data_4QC8
#
_entry.id   4QC8
#
_cell.length_a   323.450
_cell.length_b   381.230
_cell.length_c   376.620
_cell.angle_alpha   90.00
_cell.angle_beta   90.00
_cell.angle_gamma   90.00
#
_symmetry.space_group_name_H-M   'C 2 2 21'
#
_entity_poly.entity_id   1
_entity_poly.type   'polypeptide(L)'
_entity_poly.pdbx_seq_one_letter_code
;MEVSNDIPNDEAGNQPIELATRSVGGSGSVGGGGRGGSGVGYSTGGWTGGTIFSENIVVTKNTRQFICDIKNGHLYKSEV
LNTGDTAHRQYAITTPWSYFNFNQYSSHFSPNDWQHLVNDYERFRPKAMIVRVYNLQIKQIMTDGAMGTVYNNDLTAGMH
IFCDGDHRYPYVQHPWDDQCMPELPNSIWELPQYAYIPAPISVVDNNTTNTVEEHLLKGVPLYMLENSDHEVLRTGESTE
FTFNFGDCEWIENNITFSMPQMMYNPLVRSRRIYSYSGPNNQTSNAFQNAALRTSNWMSGPGIARGTHNATLQTQSAGAL
VTMVTNGADVSGVGAVRVGYSTDPIYGGQQPDSDLLRLRYSASAAEGQQNPILENAARHTFTREARTKLITGSNGADGNY
KEWWMLPNQMWDSAPISRYNPIWVKVPRVNRKTLLDTQDGSIPMSHPPGTIFIKLARIPVPGNGDSFLNIYVTGQVSCEV
VWEVEKRGTKNWRPEYMHSATNMSVDAYTINNAGVYAGAVQNADVMQTRFNHHKVL
;
_entity_poly.pdbx_strand_id   A
#
# COMPACT_ATOMS: atom_id res chain seq x y z
N GLY A 39 -33.23 2.38 25.55
CA GLY A 39 -32.26 1.53 24.77
C GLY A 39 -30.79 1.76 25.10
N VAL A 40 -30.43 3.03 25.29
CA VAL A 40 -29.07 3.45 25.62
C VAL A 40 -28.71 3.00 27.03
N GLY A 41 -27.42 2.98 27.33
CA GLY A 41 -27.00 2.58 28.66
C GLY A 41 -26.46 1.18 28.68
N TYR A 42 -26.30 0.56 27.50
CA TYR A 42 -25.78 -0.79 27.41
C TYR A 42 -24.52 -0.96 26.56
N SER A 43 -23.61 -1.80 27.00
CA SER A 43 -22.24 -1.73 26.51
C SER A 43 -22.18 -1.85 25.00
N THR A 44 -22.95 -2.77 24.43
CA THR A 44 -23.07 -2.90 22.98
C THR A 44 -21.71 -3.20 22.38
N GLY A 45 -20.85 -3.74 23.24
CA GLY A 45 -19.49 -4.14 22.88
C GLY A 45 -18.50 -4.14 24.03
N GLY A 46 -17.25 -4.45 23.72
CA GLY A 46 -16.20 -4.47 24.70
C GLY A 46 -14.91 -4.07 24.02
N TRP A 47 -13.77 -4.42 24.59
CA TRP A 47 -12.49 -4.09 23.97
C TRP A 47 -11.71 -5.34 23.64
N THR A 48 -11.39 -5.52 22.36
CA THR A 48 -10.68 -6.71 21.91
C THR A 48 -9.27 -6.40 21.45
N GLY A 49 -8.30 -7.18 21.93
CA GLY A 49 -6.90 -6.89 21.65
C GLY A 49 -6.04 -8.14 21.77
N GLY A 50 -4.76 -8.02 21.39
CA GLY A 50 -3.88 -9.16 21.50
C GLY A 50 -3.69 -9.94 20.22
N THR A 51 -2.77 -10.89 20.28
CA THR A 51 -2.46 -11.75 19.15
C THR A 51 -2.21 -13.15 19.67
N ILE A 52 -2.68 -14.14 18.90
CA ILE A 52 -2.51 -15.53 19.27
C ILE A 52 -1.84 -16.30 18.16
N PHE A 53 -0.77 -17.01 18.51
CA PHE A 53 -0.03 -17.78 17.53
C PHE A 53 -0.31 -19.26 17.66
N SER A 54 -0.43 -19.94 16.51
CA SER A 54 -0.67 -21.37 16.50
C SER A 54 0.28 -21.91 15.44
N GLU A 55 0.31 -23.23 15.28
CA GLU A 55 1.23 -23.80 14.31
C GLU A 55 0.91 -23.31 12.89
N ASN A 56 -0.36 -23.27 12.52
CA ASN A 56 -0.75 -22.82 11.19
C ASN A 56 -1.61 -21.56 11.06
N ILE A 57 -1.91 -20.90 12.18
CA ILE A 57 -2.78 -19.71 12.16
C ILE A 57 -2.28 -18.63 13.11
N VAL A 58 -2.57 -17.35 12.82
CA VAL A 58 -2.31 -16.33 13.80
C VAL A 58 -3.51 -15.41 13.77
N VAL A 59 -3.90 -14.94 14.95
CA VAL A 59 -5.05 -14.08 15.03
C VAL A 59 -4.74 -12.77 15.71
N THR A 60 -5.02 -11.69 15.00
CA THR A 60 -4.78 -10.35 15.52
C THR A 60 -6.11 -9.69 15.86
N LYS A 61 -6.20 -9.15 17.06
CA LYS A 61 -7.42 -8.47 17.51
C LYS A 61 -7.07 -7.06 17.95
N ASN A 62 -7.63 -6.06 17.28
CA ASN A 62 -7.37 -4.67 17.65
C ASN A 62 -8.65 -3.90 17.73
N THR A 63 -8.71 -2.98 18.69
CA THR A 63 -9.87 -2.12 18.85
C THR A 63 -9.30 -0.73 18.96
N ARG A 64 -10.00 0.26 18.42
CA ARG A 64 -9.55 1.64 18.46
C ARG A 64 -10.75 2.55 18.67
N GLN A 65 -10.51 3.68 19.32
CA GLN A 65 -11.58 4.64 19.54
C GLN A 65 -11.55 5.56 18.31
N PHE A 66 -12.69 5.79 17.68
CA PHE A 66 -12.67 6.65 16.50
C PHE A 66 -13.52 7.89 16.64
N ILE A 67 -13.33 8.82 15.72
CA ILE A 67 -14.02 10.09 15.74
C ILE A 67 -14.40 10.49 14.32
N CYS A 68 -15.51 11.20 14.17
CA CYS A 68 -15.94 11.62 12.84
C CYS A 68 -16.69 12.96 12.82
N ASP A 69 -16.18 13.89 12.01
CA ASP A 69 -16.76 15.25 11.84
C ASP A 69 -17.83 15.21 10.80
N ILE A 70 -18.42 16.37 10.56
CA ILE A 70 -19.40 16.47 9.50
C ILE A 70 -18.54 16.96 8.34
N LYS A 71 -18.17 16.04 7.46
CA LYS A 71 -17.36 16.36 6.28
C LYS A 71 -18.12 17.19 5.27
N ASN A 72 -17.43 18.16 4.67
CA ASN A 72 -18.03 19.00 3.65
C ASN A 72 -19.10 19.88 4.25
N GLY A 73 -20.06 20.30 3.43
CA GLY A 73 -21.18 21.07 3.92
C GLY A 73 -22.31 20.15 4.33
N HIS A 74 -22.01 18.86 4.40
CA HIS A 74 -22.99 17.78 4.41
C HIS A 74 -23.38 17.40 2.98
N LEU A 75 -22.59 17.87 2.03
CA LEU A 75 -22.94 17.92 0.61
C LEU A 75 -21.71 17.59 -0.24
N TYR A 76 -21.97 17.04 -1.41
CA TYR A 76 -20.96 16.66 -2.36
C TYR A 76 -20.48 17.91 -3.06
N LYS A 77 -19.19 17.97 -3.34
CA LYS A 77 -18.60 19.13 -4.01
C LYS A 77 -17.64 18.75 -5.11
N SER A 78 -17.66 19.51 -6.20
CA SER A 78 -16.72 19.29 -7.28
C SER A 78 -15.61 20.29 -7.03
N GLU A 79 -14.43 19.76 -6.77
CA GLU A 79 -13.29 20.61 -6.44
C GLU A 79 -12.06 20.36 -7.28
N VAL A 80 -11.15 21.33 -7.28
CA VAL A 80 -9.90 21.20 -8.00
C VAL A 80 -8.85 21.33 -6.92
N LEU A 81 -8.09 20.27 -6.69
CA LEU A 81 -7.10 20.29 -5.62
C LEU A 81 -5.67 20.42 -6.14
N ASN A 82 -4.75 20.70 -5.23
CA ASN A 82 -3.34 20.78 -5.57
C ASN A 82 -3.05 21.86 -6.60
N THR A 83 -3.68 23.02 -6.42
CA THR A 83 -3.39 24.13 -7.29
C THR A 83 -2.20 24.90 -6.72
N GLY A 84 -1.09 24.83 -7.46
CA GLY A 84 0.11 25.62 -7.21
C GLY A 84 0.69 26.36 -8.39
N ASP A 85 -0.16 26.67 -9.40
CA ASP A 85 0.30 27.41 -10.56
C ASP A 85 1.18 26.54 -11.48
N THR A 86 2.09 25.78 -10.86
CA THR A 86 2.99 24.90 -11.59
C THR A 86 2.70 23.49 -11.10
N ALA A 87 1.64 23.35 -10.30
CA ALA A 87 1.23 22.07 -9.74
C ALA A 87 0.51 21.19 -10.74
N HIS A 88 0.26 19.94 -10.35
CA HIS A 88 -0.64 19.01 -11.06
C HIS A 88 -2.17 19.30 -11.15
N ARG A 89 -2.77 19.79 -10.06
CA ARG A 89 -4.19 20.23 -10.08
C ARG A 89 -5.34 19.28 -10.50
N GLN A 90 -5.50 18.14 -9.84
CA GLN A 90 -6.59 17.18 -10.12
C GLN A 90 -8.07 17.57 -9.83
N TYR A 91 -8.97 17.05 -10.67
CA TYR A 91 -10.42 17.22 -10.66
C TYR A 91 -10.90 16.19 -9.65
N ALA A 92 -11.76 16.59 -8.72
CA ALA A 92 -12.23 15.64 -7.72
C ALA A 92 -13.63 15.89 -7.20
N ILE A 93 -14.22 14.83 -6.65
CA ILE A 93 -15.54 14.93 -6.07
C ILE A 93 -15.29 14.64 -4.62
N THR A 94 -15.69 15.55 -3.75
CA THR A 94 -15.50 15.34 -2.34
C THR A 94 -16.87 15.02 -1.76
N THR A 95 -16.92 13.98 -0.93
CA THR A 95 -18.16 13.51 -0.35
C THR A 95 -18.31 13.81 1.13
N PRO A 96 -19.55 13.79 1.63
CA PRO A 96 -19.81 14.05 3.06
C PRO A 96 -19.49 12.83 3.93
N TRP A 97 -19.00 11.77 3.28
CA TRP A 97 -18.66 10.52 3.95
C TRP A 97 -17.21 10.41 4.38
N SER A 98 -16.96 9.59 5.39
CA SER A 98 -15.61 9.32 5.88
C SER A 98 -15.49 7.80 5.83
N TYR A 99 -14.31 7.24 6.07
CA TYR A 99 -14.19 5.79 5.97
C TYR A 99 -13.04 5.15 6.73
N PHE A 100 -13.17 3.87 7.02
CA PHE A 100 -12.15 3.10 7.73
C PHE A 100 -11.22 2.41 6.73
N ASN A 101 -9.93 2.39 7.03
CA ASN A 101 -8.96 1.73 6.17
C ASN A 101 -8.09 0.87 7.07
N PHE A 102 -7.96 -0.42 6.76
CA PHE A 102 -7.16 -1.32 7.58
C PHE A 102 -5.96 -1.86 6.84
N ASN A 103 -5.71 -1.32 5.66
CA ASN A 103 -4.63 -1.79 4.81
C ASN A 103 -3.20 -1.48 5.23
N GLN A 104 -2.80 -1.93 6.42
CA GLN A 104 -1.44 -1.71 6.90
C GLN A 104 -1.08 -2.69 8.03
N TYR A 105 -0.04 -3.49 7.80
CA TYR A 105 0.36 -4.48 8.80
C TYR A 105 0.56 -3.92 10.20
N SER A 106 1.23 -2.77 10.30
CA SER A 106 1.51 -2.14 11.59
C SER A 106 0.28 -1.99 12.49
N SER A 107 -0.87 -1.88 11.84
CA SER A 107 -2.12 -1.71 12.55
C SER A 107 -2.62 -2.97 13.26
N HIS A 108 -2.18 -4.13 12.77
CA HIS A 108 -2.62 -5.39 13.33
C HIS A 108 -1.66 -6.09 14.27
N PHE A 109 -0.37 -5.98 14.00
CA PHE A 109 0.62 -6.63 14.85
C PHE A 109 1.37 -5.65 15.73
N SER A 110 1.61 -6.02 16.99
CA SER A 110 2.37 -5.16 17.86
C SER A 110 3.77 -5.42 17.34
N PRO A 111 4.69 -4.44 17.50
CA PRO A 111 6.04 -4.68 16.99
C PRO A 111 6.61 -6.02 17.44
N ASN A 112 6.35 -6.38 18.69
CA ASN A 112 6.84 -7.65 19.23
C ASN A 112 6.24 -8.83 18.48
N ASP A 113 4.92 -8.79 18.29
CA ASP A 113 4.20 -9.84 17.58
C ASP A 113 4.79 -9.99 16.20
N TRP A 114 4.88 -8.89 15.47
CA TRP A 114 5.42 -8.91 14.12
C TRP A 114 6.82 -9.53 14.12
N GLN A 115 7.57 -9.31 15.18
CA GLN A 115 8.89 -9.89 15.26
C GLN A 115 8.78 -11.41 15.22
N HIS A 116 8.01 -12.00 16.14
CA HIS A 116 7.85 -13.45 16.16
C HIS A 116 7.29 -13.94 14.82
N LEU A 117 6.40 -13.15 14.22
CA LEU A 117 5.82 -13.54 12.94
C LEU A 117 6.87 -13.73 11.87
N VAL A 118 7.68 -12.72 11.65
CA VAL A 118 8.71 -12.79 10.62
C VAL A 118 9.84 -13.75 10.96
N ASN A 119 10.24 -13.78 12.22
CA ASN A 119 11.32 -14.67 12.63
C ASN A 119 10.98 -16.16 12.56
N ASP A 120 9.80 -16.51 13.05
CA ASP A 120 9.38 -17.91 13.11
C ASP A 120 8.64 -18.51 11.89
N TYR A 121 7.87 -17.72 11.15
CA TYR A 121 7.15 -18.28 10.01
C TYR A 121 7.76 -17.97 8.65
N GLU A 122 7.68 -18.93 7.75
CA GLU A 122 8.25 -18.74 6.43
C GLU A 122 7.31 -18.12 5.40
N ARG A 123 6.01 -18.35 5.56
CA ARG A 123 5.03 -17.79 4.63
C ARG A 123 3.79 -17.44 5.43
N PHE A 124 3.02 -16.50 4.93
CA PHE A 124 1.78 -16.13 5.59
C PHE A 124 0.91 -15.29 4.68
N ARG A 125 -0.37 -15.20 5.00
CA ARG A 125 -1.30 -14.41 4.22
C ARG A 125 -2.57 -14.17 4.99
N PRO A 126 -3.30 -13.11 4.67
CA PRO A 126 -4.54 -12.86 5.40
C PRO A 126 -5.60 -13.87 4.94
N LYS A 127 -6.37 -14.38 5.90
CA LYS A 127 -7.42 -15.35 5.60
C LYS A 127 -8.81 -14.77 5.71
N ALA A 128 -9.11 -14.14 6.84
CA ALA A 128 -10.42 -13.55 7.05
C ALA A 128 -10.35 -12.38 8.02
N MET A 129 -11.26 -11.42 7.81
CA MET A 129 -11.36 -10.24 8.66
C MET A 129 -12.78 -10.01 9.14
N ILE A 130 -12.93 -9.72 10.43
CA ILE A 130 -14.23 -9.41 11.00
C ILE A 130 -14.16 -8.03 11.65
N VAL A 131 -14.98 -7.11 11.18
CA VAL A 131 -14.98 -5.76 11.71
C VAL A 131 -16.27 -5.40 12.41
N ARG A 132 -16.16 -4.71 13.54
CA ARG A 132 -17.34 -4.31 14.27
C ARG A 132 -17.28 -2.84 14.64
N VAL A 133 -18.42 -2.17 14.53
CA VAL A 133 -18.54 -0.75 14.85
C VAL A 133 -19.58 -0.68 15.95
N TYR A 134 -19.22 -0.13 17.10
CA TYR A 134 -20.15 -0.08 18.22
C TYR A 134 -19.86 1.00 19.24
N ASN A 135 -20.57 0.92 20.37
CA ASN A 135 -20.38 1.88 21.46
C ASN A 135 -20.45 3.28 20.92
N LEU A 136 -21.36 3.47 19.97
CA LEU A 136 -21.52 4.76 19.36
C LEU A 136 -22.06 5.81 20.33
N GLN A 137 -21.53 7.03 20.21
CA GLN A 137 -21.96 8.19 21.00
C GLN A 137 -22.01 9.33 20.01
N ILE A 138 -23.14 10.02 19.93
CA ILE A 138 -23.27 11.14 19.03
C ILE A 138 -23.60 12.35 19.88
N LYS A 139 -22.75 13.36 19.81
CA LYS A 139 -22.95 14.58 20.58
C LYS A 139 -23.01 15.80 19.69
N GLN A 140 -23.76 16.81 20.11
CA GLN A 140 -23.84 18.03 19.33
C GLN A 140 -22.98 19.07 20.02
N ILE A 141 -22.37 19.93 19.21
CA ILE A 141 -21.50 20.96 19.71
C ILE A 141 -22.17 22.32 19.75
N MET A 142 -22.37 22.88 20.91
CA MET A 142 -22.89 24.24 20.94
C MET A 142 -21.76 25.11 21.44
N THR A 143 -21.31 26.05 20.63
CA THR A 143 -20.35 27.03 21.10
C THR A 143 -21.14 28.27 21.47
N ASP A 144 -21.40 28.40 22.77
CA ASP A 144 -22.14 29.55 23.29
C ASP A 144 -21.38 30.84 23.11
N GLY A 145 -20.06 30.78 23.30
CA GLY A 145 -19.26 31.96 23.58
C GLY A 145 -18.64 31.91 24.96
N ALA A 146 -19.52 31.86 25.96
CA ALA A 146 -19.19 31.65 27.38
C ALA A 146 -18.86 30.17 27.56
N MET A 147 -17.56 29.82 27.54
CA MET A 147 -17.16 28.48 27.95
C MET A 147 -17.85 27.44 27.07
N GLY A 148 -17.95 27.87 25.82
CA GLY A 148 -18.64 27.21 24.74
C GLY A 148 -17.86 26.03 24.24
N THR A 149 -18.52 25.22 23.43
CA THR A 149 -18.03 23.92 23.01
C THR A 149 -18.42 22.91 24.07
N VAL A 150 -19.15 23.34 25.10
CA VAL A 150 -19.80 22.33 25.90
C VAL A 150 -20.44 21.36 24.92
N TYR A 151 -20.33 20.07 25.20
CA TYR A 151 -20.84 19.05 24.29
C TYR A 151 -21.93 18.24 24.97
N ASN A 152 -23.06 18.07 24.30
CA ASN A 152 -24.16 17.33 24.89
C ASN A 152 -24.60 16.18 24.03
N ASN A 153 -24.91 15.08 24.67
CA ASN A 153 -25.35 13.89 23.96
C ASN A 153 -26.65 14.13 23.23
N ASP A 154 -26.77 13.47 22.08
CA ASP A 154 -27.97 13.53 21.27
C ASP A 154 -28.36 12.10 20.97
N LEU A 155 -29.14 11.53 21.88
CA LEU A 155 -29.74 10.22 21.68
C LEU A 155 -30.81 10.44 20.63
N THR A 156 -30.99 9.46 19.75
CA THR A 156 -31.92 9.64 18.66
C THR A 156 -31.29 10.35 17.48
N ALA A 157 -29.96 10.47 17.49
CA ALA A 157 -29.25 11.05 16.36
C ALA A 157 -28.56 9.89 15.67
N GLY A 158 -28.82 9.73 14.37
CA GLY A 158 -28.37 8.54 13.71
C GLY A 158 -27.04 8.69 13.00
N MET A 159 -26.40 7.56 12.73
CA MET A 159 -25.13 7.55 12.02
C MET A 159 -25.26 6.58 10.86
N HIS A 160 -25.01 7.04 9.64
CA HIS A 160 -25.09 6.16 8.49
C HIS A 160 -23.79 5.36 8.41
N ILE A 161 -23.89 4.11 8.00
CA ILE A 161 -22.73 3.27 7.87
C ILE A 161 -23.06 2.35 6.73
N PHE A 162 -22.19 2.31 5.74
CA PHE A 162 -22.40 1.51 4.55
C PHE A 162 -21.11 0.84 4.17
N CYS A 163 -21.20 -0.37 3.65
CA CYS A 163 -20.00 -1.08 3.23
C CYS A 163 -20.09 -1.45 1.76
N ASP A 164 -19.18 -0.96 0.92
CA ASP A 164 -19.38 -1.13 -0.51
C ASP A 164 -19.41 -2.60 -0.88
N GLY A 165 -18.49 -3.37 -0.32
CA GLY A 165 -18.53 -4.82 -0.45
C GLY A 165 -18.19 -5.29 -1.85
N ASP A 166 -19.06 -4.93 -2.80
CA ASP A 166 -18.91 -5.34 -4.19
C ASP A 166 -18.10 -4.37 -5.04
N HIS A 167 -17.69 -3.25 -4.43
CA HIS A 167 -16.88 -2.27 -5.13
C HIS A 167 -17.59 -1.41 -6.16
N ARG A 168 -18.86 -1.11 -5.90
CA ARG A 168 -19.67 -0.29 -6.77
C ARG A 168 -19.32 1.19 -6.80
N TYR A 169 -18.46 1.61 -5.88
CA TYR A 169 -18.03 3.00 -5.80
C TYR A 169 -16.52 3.09 -5.85
N PRO A 170 -16.00 4.18 -6.36
CA PRO A 170 -14.57 4.19 -6.66
C PRO A 170 -13.80 3.79 -5.41
N TYR A 171 -12.87 2.86 -5.60
CA TYR A 171 -12.05 2.34 -4.52
C TYR A 171 -10.96 3.32 -4.13
N VAL A 172 -10.70 3.45 -2.84
CA VAL A 172 -9.72 4.42 -2.36
C VAL A 172 -8.62 3.91 -1.43
N GLN A 173 -8.74 2.65 -0.98
CA GLN A 173 -7.74 2.07 -0.09
C GLN A 173 -6.52 1.87 -1.00
N HIS A 174 -5.79 2.96 -1.23
CA HIS A 174 -4.61 2.95 -2.08
C HIS A 174 -3.46 2.58 -1.16
N PRO A 175 -2.48 1.84 -1.69
CA PRO A 175 -1.33 1.45 -0.87
C PRO A 175 -0.63 2.66 -0.27
N TRP A 176 -0.20 2.49 0.98
CA TRP A 176 0.62 3.48 1.67
C TRP A 176 -0.15 4.70 2.17
N ASP A 177 -1.47 4.67 2.06
CA ASP A 177 -2.27 5.81 2.47
C ASP A 177 -2.16 6.09 3.96
N ASP A 178 -2.12 7.36 4.31
CA ASP A 178 -2.10 7.80 5.72
C ASP A 178 -3.50 7.78 6.32
N GLN A 179 -3.57 7.81 7.64
CA GLN A 179 -4.85 7.74 8.36
C GLN A 179 -5.48 6.36 8.58
N CYS A 180 -4.72 5.29 8.43
CA CYS A 180 -5.25 3.95 8.56
C CYS A 180 -5.38 3.65 10.03
N MET A 181 -5.98 2.53 10.37
CA MET A 181 -6.13 2.19 11.77
C MET A 181 -4.79 2.43 12.45
N PRO A 182 -4.74 3.38 13.41
CA PRO A 182 -3.53 3.74 14.16
C PRO A 182 -2.71 2.58 14.72
N GLU A 183 -1.40 2.64 14.53
CA GLU A 183 -0.51 1.60 15.01
C GLU A 183 -0.62 1.31 16.49
N LEU A 184 -0.83 2.36 17.26
CA LEU A 184 -0.92 2.19 18.71
C LEU A 184 -2.36 2.18 19.18
N PRO A 185 -2.75 1.14 19.93
CA PRO A 185 -4.12 1.09 20.43
C PRO A 185 -4.13 2.18 21.48
N ASN A 186 -5.29 2.74 21.78
CA ASN A 186 -5.34 3.82 22.75
C ASN A 186 -5.00 5.16 22.11
N SER A 187 -4.87 5.14 20.79
CA SER A 187 -4.66 6.36 20.02
C SER A 187 -5.87 6.56 19.12
N ILE A 188 -6.44 7.76 19.17
CA ILE A 188 -7.67 8.04 18.45
C ILE A 188 -7.52 7.92 16.93
N TRP A 189 -8.51 7.33 16.29
CA TRP A 189 -8.56 7.24 14.85
C TRP A 189 -9.49 8.29 14.25
N GLU A 190 -8.91 9.28 13.59
CA GLU A 190 -9.71 10.31 12.95
C GLU A 190 -9.97 9.84 11.52
N LEU A 191 -11.21 9.45 11.25
CA LEU A 191 -11.56 8.98 9.93
C LEU A 191 -11.35 10.00 8.85
N PRO A 192 -10.69 9.59 7.75
CA PRO A 192 -10.41 10.45 6.61
C PRO A 192 -11.65 10.61 5.74
N GLN A 193 -11.89 11.83 5.26
CA GLN A 193 -13.03 12.09 4.39
C GLN A 193 -12.87 11.38 3.04
N TYR A 194 -13.99 10.96 2.46
CA TYR A 194 -13.98 10.26 1.18
C TYR A 194 -14.06 11.19 -0.02
N ALA A 195 -13.22 10.94 -1.01
CA ALA A 195 -13.18 11.73 -2.23
C ALA A 195 -12.50 10.91 -3.31
N TYR A 196 -12.85 11.15 -4.57
CA TYR A 196 -12.26 10.40 -5.67
C TYR A 196 -12.06 11.27 -6.90
N ILE A 197 -11.28 10.76 -7.85
CA ILE A 197 -11.01 11.47 -9.08
C ILE A 197 -11.80 10.90 -10.25
N PRO A 198 -12.91 11.56 -10.62
CA PRO A 198 -13.81 11.16 -11.72
C PRO A 198 -13.15 11.07 -13.07
N ALA A 199 -12.18 11.95 -13.32
CA ALA A 199 -11.49 11.97 -14.59
C ALA A 199 -10.20 12.76 -14.50
N PRO A 200 -9.25 12.50 -15.40
CA PRO A 200 -7.98 13.25 -15.36
C PRO A 200 -8.26 14.72 -15.66
N ILE A 201 -7.80 15.63 -14.82
CA ILE A 201 -8.30 16.99 -14.90
C ILE A 201 -8.08 17.49 -16.32
N SER A 202 -6.95 17.10 -16.91
CA SER A 202 -6.47 17.68 -18.16
C SER A 202 -7.38 17.52 -19.37
N VAL A 203 -8.03 16.37 -19.47
CA VAL A 203 -8.84 16.06 -20.65
C VAL A 203 -9.98 17.06 -20.83
N VAL A 204 -10.58 17.46 -19.72
CA VAL A 204 -11.68 18.42 -19.74
C VAL A 204 -11.20 19.86 -19.55
N ASP A 205 -9.88 20.06 -19.51
CA ASP A 205 -9.32 21.32 -19.05
C ASP A 205 -10.04 22.49 -19.71
N ASN A 206 -10.31 22.33 -20.99
CA ASN A 206 -11.02 23.36 -21.76
C ASN A 206 -12.19 22.83 -22.59
N ASN A 207 -13.33 22.63 -21.95
CA ASN A 207 -14.51 22.15 -22.65
C ASN A 207 -15.02 23.26 -23.56
N THR A 208 -15.07 24.47 -23.03
CA THR A 208 -15.42 25.60 -23.87
C THR A 208 -14.13 25.91 -24.61
N THR A 209 -14.20 25.96 -25.94
CA THR A 209 -12.97 26.16 -26.71
C THR A 209 -12.25 24.89 -27.20
N ASN A 210 -12.76 23.71 -26.88
CA ASN A 210 -12.27 22.47 -27.47
C ASN A 210 -13.36 21.40 -27.54
N THR A 211 -13.83 21.07 -28.74
CA THR A 211 -14.89 20.08 -28.93
C THR A 211 -14.62 18.72 -28.29
N VAL A 212 -13.37 18.25 -28.36
CA VAL A 212 -13.02 16.96 -27.79
C VAL A 212 -13.05 17.01 -26.25
N GLU A 213 -12.27 17.92 -25.67
CA GLU A 213 -12.22 18.05 -24.22
C GLU A 213 -13.62 18.37 -23.67
N GLU A 214 -14.55 18.70 -24.57
CA GLU A 214 -15.94 19.01 -24.17
C GLU A 214 -16.88 17.80 -24.20
N HIS A 215 -16.86 17.06 -25.31
CA HIS A 215 -17.60 15.82 -25.46
C HIS A 215 -17.20 14.87 -24.34
N LEU A 216 -15.91 14.82 -24.03
CA LEU A 216 -15.44 13.97 -22.95
C LEU A 216 -16.12 14.43 -21.66
N LEU A 217 -15.97 15.71 -21.35
CA LEU A 217 -16.58 16.27 -20.16
C LEU A 217 -18.07 15.90 -20.04
N LYS A 218 -18.78 15.85 -21.17
CA LYS A 218 -20.20 15.50 -21.18
C LYS A 218 -20.41 14.14 -20.53
N GLY A 219 -19.47 13.22 -20.76
CA GLY A 219 -19.60 11.89 -20.21
C GLY A 219 -19.05 11.59 -18.83
N VAL A 220 -18.35 12.53 -18.21
CA VAL A 220 -17.79 12.27 -16.88
C VAL A 220 -18.89 11.70 -15.99
N PRO A 221 -18.57 10.67 -15.21
CA PRO A 221 -19.57 10.07 -14.33
C PRO A 221 -19.66 10.82 -13.00
N LEU A 222 -20.55 10.35 -12.13
CA LEU A 222 -20.72 10.94 -10.81
C LEU A 222 -21.25 9.89 -9.85
N TYR A 223 -20.57 9.70 -8.73
CA TYR A 223 -21.00 8.71 -7.77
C TYR A 223 -21.39 9.28 -6.42
N MET A 224 -22.48 8.76 -5.87
CA MET A 224 -22.96 9.18 -4.57
C MET A 224 -23.46 7.95 -3.86
N LEU A 225 -23.16 7.84 -2.57
CA LEU A 225 -23.55 6.68 -1.79
C LEU A 225 -25.02 6.55 -1.44
N GLU A 226 -25.75 7.66 -1.37
CA GLU A 226 -27.18 7.64 -1.02
C GLU A 226 -27.94 6.77 -2.02
N ASN A 227 -27.23 6.44 -3.08
CA ASN A 227 -27.71 5.64 -4.18
C ASN A 227 -27.98 4.17 -3.82
N SER A 228 -27.29 3.67 -2.79
CA SER A 228 -27.45 2.29 -2.34
C SER A 228 -28.07 2.20 -0.95
N ASP A 229 -28.48 1.01 -0.55
CA ASP A 229 -29.07 0.83 0.76
C ASP A 229 -27.93 0.72 1.75
N HIS A 230 -28.16 1.20 2.96
CA HIS A 230 -27.17 1.13 4.02
C HIS A 230 -27.82 1.33 5.38
N GLU A 231 -27.04 1.16 6.43
CA GLU A 231 -27.57 1.27 7.78
C GLU A 231 -27.56 2.64 8.42
N VAL A 232 -28.40 2.76 9.44
CA VAL A 232 -28.51 3.98 10.22
C VAL A 232 -28.62 3.45 11.63
N LEU A 233 -27.67 3.83 12.49
CA LEU A 233 -27.63 3.35 13.87
C LEU A 233 -27.75 4.46 14.92
N ARG A 234 -28.53 4.19 15.98
CA ARG A 234 -28.69 5.13 17.09
C ARG A 234 -27.63 4.64 18.08
N THR A 235 -27.43 5.36 19.18
CA THR A 235 -26.40 4.96 20.16
C THR A 235 -26.48 3.52 20.67
N GLY A 236 -27.69 3.05 20.92
CA GLY A 236 -27.85 1.71 21.42
C GLY A 236 -27.57 0.60 20.44
N GLU A 237 -27.15 0.95 19.23
CA GLU A 237 -26.89 -0.09 18.24
C GLU A 237 -25.46 -0.32 17.83
N SER A 238 -25.29 -1.33 16.99
CA SER A 238 -23.98 -1.72 16.48
C SER A 238 -24.16 -2.52 15.21
N THR A 239 -23.05 -2.76 14.53
CA THR A 239 -23.07 -3.54 13.31
C THR A 239 -21.75 -4.26 13.11
N GLU A 240 -21.77 -5.25 12.23
CA GLU A 240 -20.60 -6.07 11.98
C GLU A 240 -20.44 -6.38 10.50
N PHE A 241 -19.20 -6.56 10.07
CA PHE A 241 -18.91 -6.87 8.68
C PHE A 241 -17.83 -7.94 8.65
N THR A 242 -17.93 -8.86 7.71
CA THR A 242 -16.94 -9.92 7.60
C THR A 242 -16.47 -10.07 6.16
N PHE A 243 -15.16 -10.21 6.01
CA PHE A 243 -14.55 -10.36 4.70
C PHE A 243 -13.66 -11.60 4.64
N ASN A 244 -13.62 -12.22 3.47
CA ASN A 244 -12.82 -13.42 3.26
C ASN A 244 -11.82 -13.31 2.13
N PHE A 245 -10.52 -13.21 2.44
CA PHE A 245 -9.52 -13.15 1.38
C PHE A 245 -9.61 -14.52 0.75
N GLY A 246 -9.64 -14.58 -0.57
CA GLY A 246 -9.75 -15.89 -1.20
C GLY A 246 -8.40 -16.54 -1.16
N ASP A 247 -8.12 -17.35 -2.18
CA ASP A 247 -6.84 -18.00 -2.31
C ASP A 247 -5.90 -16.90 -2.78
N CYS A 248 -5.81 -15.83 -2.00
CA CYS A 248 -4.96 -14.70 -2.33
C CYS A 248 -3.51 -15.13 -2.27
N GLU A 249 -2.63 -14.32 -2.85
CA GLU A 249 -1.22 -14.66 -2.86
C GLU A 249 -0.61 -14.76 -1.48
N TRP A 250 0.48 -15.50 -1.39
CA TRP A 250 1.20 -15.69 -0.15
C TRP A 250 2.40 -14.78 -0.06
N ILE A 251 2.71 -14.35 1.16
CA ILE A 251 3.87 -13.52 1.38
C ILE A 251 5.00 -14.46 1.74
N GLU A 252 5.98 -14.57 0.86
CA GLU A 252 7.12 -15.45 1.09
C GLU A 252 8.23 -14.71 1.82
N ASN A 253 8.66 -15.25 2.95
CA ASN A 253 9.71 -14.63 3.76
C ASN A 253 10.98 -15.46 3.73
N ASN A 254 11.67 -15.46 2.59
CA ASN A 254 12.90 -16.22 2.42
C ASN A 254 13.95 -15.58 1.48
N ILE A 255 15.22 -15.97 1.68
CA ILE A 255 16.36 -15.50 0.86
C ILE A 255 17.34 -16.63 0.46
N THR A 256 18.05 -16.47 -0.66
CA THR A 256 18.86 -17.57 -1.22
C THR A 256 20.41 -17.61 -1.13
N PHE A 257 21.11 -16.55 -1.53
CA PHE A 257 22.58 -16.58 -1.61
C PHE A 257 22.94 -17.51 -2.76
N SER A 258 22.00 -17.71 -3.66
CA SER A 258 22.25 -18.59 -4.79
C SER A 258 21.32 -18.14 -5.91
N MET A 259 21.90 -17.83 -7.07
CA MET A 259 21.12 -17.39 -8.21
C MET A 259 20.67 -18.57 -9.03
N PRO A 260 19.49 -18.45 -9.66
CA PRO A 260 18.99 -19.56 -10.47
C PRO A 260 20.01 -20.12 -11.48
N GLN A 261 20.97 -19.30 -11.89
CA GLN A 261 21.97 -19.79 -12.84
C GLN A 261 23.20 -20.36 -12.15
N MET A 262 23.08 -20.61 -10.85
CA MET A 262 24.17 -21.17 -10.04
C MET A 262 23.86 -22.58 -9.55
N MET A 263 22.79 -23.16 -10.07
CA MET A 263 22.38 -24.50 -9.66
C MET A 263 23.14 -25.63 -10.37
N TYR A 264 24.40 -25.84 -10.01
CA TYR A 264 25.18 -26.89 -10.64
C TYR A 264 26.33 -27.39 -9.79
N ASN A 265 26.96 -28.48 -10.25
CA ASN A 265 28.08 -29.06 -9.53
C ASN A 265 29.41 -28.58 -10.11
N PRO A 266 30.15 -27.77 -9.35
CA PRO A 266 31.45 -27.20 -9.75
C PRO A 266 32.50 -28.25 -10.11
N LEU A 267 32.22 -29.52 -9.80
CA LEU A 267 33.19 -30.58 -10.09
C LEU A 267 32.85 -31.39 -11.32
N VAL A 268 31.69 -31.15 -11.91
CA VAL A 268 31.27 -31.89 -13.09
C VAL A 268 31.27 -30.94 -14.27
N ARG A 269 31.88 -31.35 -15.37
CA ARG A 269 31.94 -30.50 -16.54
C ARG A 269 30.73 -30.59 -17.47
N SER A 270 30.27 -29.45 -17.96
CA SER A 270 29.12 -29.41 -18.86
C SER A 270 29.54 -29.77 -20.27
N ARG A 271 28.66 -30.44 -21.00
CA ARG A 271 28.98 -30.95 -22.34
C ARG A 271 28.81 -29.92 -23.46
N ARG A 272 28.55 -28.67 -23.11
CA ARG A 272 28.08 -27.66 -24.06
C ARG A 272 28.96 -27.26 -25.27
N ILE A 273 30.27 -27.08 -25.12
CA ILE A 273 31.08 -26.79 -26.34
C ILE A 273 30.82 -25.53 -27.25
N TYR A 274 30.82 -24.33 -26.65
CA TYR A 274 30.56 -23.05 -27.36
C TYR A 274 31.57 -22.55 -28.45
N SER A 275 31.07 -21.76 -29.41
CA SER A 275 31.85 -21.20 -30.50
C SER A 275 32.16 -19.76 -30.17
N TYR A 276 33.30 -19.28 -30.67
CA TYR A 276 33.71 -17.90 -30.44
C TYR A 276 34.70 -17.51 -31.49
N SER A 277 34.76 -16.21 -31.77
CA SER A 277 35.69 -15.71 -32.77
C SER A 277 37.11 -15.80 -32.21
N GLY A 278 37.88 -16.72 -32.76
CA GLY A 278 39.25 -16.92 -32.32
C GLY A 278 40.17 -15.84 -32.89
N PRO A 279 41.48 -15.91 -32.60
CA PRO A 279 42.38 -14.89 -33.14
C PRO A 279 42.37 -14.79 -34.66
N ASN A 280 42.69 -13.60 -35.17
CA ASN A 280 42.64 -13.37 -36.59
C ASN A 280 41.25 -13.67 -37.14
N ASN A 281 41.18 -14.41 -38.24
CA ASN A 281 39.89 -14.78 -38.82
C ASN A 281 39.59 -16.26 -38.97
N GLN A 282 38.86 -16.79 -37.98
CA GLN A 282 38.53 -18.21 -37.92
C GLN A 282 37.51 -18.42 -36.83
N THR A 283 36.93 -19.61 -36.76
CA THR A 283 36.13 -19.97 -35.60
C THR A 283 36.72 -21.16 -34.86
N SER A 284 36.91 -21.00 -33.55
CA SER A 284 37.34 -22.13 -32.71
C SER A 284 36.23 -22.38 -31.65
N ASN A 285 36.19 -23.59 -31.10
CA ASN A 285 35.20 -23.97 -30.08
C ASN A 285 35.84 -24.49 -28.80
N ALA A 286 35.16 -24.34 -27.66
CA ALA A 286 35.72 -24.81 -26.39
C ALA A 286 34.70 -25.21 -25.33
N PHE A 287 35.18 -25.93 -24.32
CA PHE A 287 34.37 -26.42 -23.20
C PHE A 287 34.67 -25.61 -21.94
N GLN A 288 33.68 -24.93 -21.35
CA GLN A 288 33.96 -24.22 -20.11
C GLN A 288 34.23 -25.36 -19.14
N ASN A 289 35.32 -25.30 -18.39
CA ASN A 289 35.57 -26.38 -17.44
C ASN A 289 34.53 -26.22 -16.33
N ALA A 290 34.44 -27.23 -15.47
CA ALA A 290 33.42 -27.32 -14.43
C ALA A 290 33.52 -26.20 -13.41
N ALA A 291 32.37 -25.84 -12.85
CA ALA A 291 32.17 -24.68 -11.98
C ALA A 291 31.86 -23.45 -12.82
N LEU A 292 31.86 -23.64 -14.14
CA LEU A 292 31.39 -22.63 -15.08
C LEU A 292 30.32 -23.26 -15.95
N ARG A 293 29.18 -22.60 -16.10
CA ARG A 293 28.10 -23.15 -16.89
C ARG A 293 27.16 -22.05 -17.32
N THR A 294 26.32 -22.35 -18.30
CA THR A 294 25.32 -21.41 -18.79
C THR A 294 23.94 -22.03 -18.52
N SER A 295 23.03 -21.27 -17.90
CA SER A 295 21.70 -21.81 -17.58
C SER A 295 20.62 -21.28 -18.51
N ASN A 296 19.37 -21.67 -18.27
CA ASN A 296 18.24 -21.21 -19.10
C ASN A 296 17.59 -20.02 -18.45
N TRP A 297 17.95 -19.79 -17.19
CA TRP A 297 17.35 -18.71 -16.43
C TRP A 297 18.02 -17.34 -16.53
N MET A 298 17.19 -16.29 -16.55
CA MET A 298 17.63 -14.91 -16.59
C MET A 298 17.05 -14.30 -15.34
N SER A 299 17.49 -13.09 -14.97
CA SER A 299 16.95 -12.48 -13.77
C SER A 299 15.63 -11.76 -14.05
N GLY A 300 15.06 -11.15 -13.01
CA GLY A 300 13.78 -10.45 -13.14
C GLY A 300 13.78 -9.17 -13.95
N PRO A 301 12.71 -8.92 -14.73
CA PRO A 301 12.61 -7.71 -15.54
C PRO A 301 12.48 -6.44 -14.71
N GLY A 302 12.70 -5.31 -15.37
CA GLY A 302 12.61 -4.01 -14.71
C GLY A 302 13.43 -2.95 -15.42
N ILE A 303 13.15 -1.68 -15.11
CA ILE A 303 13.90 -0.57 -15.70
C ILE A 303 14.71 0.05 -14.59
N ALA A 304 16.03 -0.12 -14.66
CA ALA A 304 16.95 0.38 -13.65
C ALA A 304 17.34 1.85 -13.71
N ARG A 305 17.02 2.53 -14.81
CA ARG A 305 17.38 3.93 -14.94
C ARG A 305 16.27 4.92 -14.56
N GLY A 306 16.43 6.18 -14.94
CA GLY A 306 15.46 7.20 -14.64
C GLY A 306 15.69 7.85 -13.29
N THR A 307 14.92 8.88 -12.98
CA THR A 307 15.05 9.57 -11.69
C THR A 307 13.72 10.18 -11.23
N HIS A 308 13.74 10.98 -10.17
CA HIS A 308 12.54 11.59 -9.65
C HIS A 308 12.51 13.09 -9.91
N ASN A 309 11.34 13.60 -10.25
CA ASN A 309 11.15 15.02 -10.50
C ASN A 309 11.56 15.76 -9.23
N ALA A 310 12.21 16.90 -9.37
CA ALA A 310 12.68 17.68 -8.22
C ALA A 310 11.54 18.39 -7.48
N THR A 311 10.52 18.79 -8.22
CA THR A 311 9.38 19.48 -7.62
C THR A 311 8.26 18.47 -7.38
N LEU A 312 8.61 17.22 -7.15
CA LEU A 312 7.61 16.17 -7.21
C LEU A 312 6.48 16.49 -6.23
N GLN A 313 6.82 17.09 -5.10
CA GLN A 313 5.87 17.25 -4.03
C GLN A 313 4.61 17.97 -4.53
N THR A 314 4.71 18.55 -5.73
CA THR A 314 3.56 19.21 -6.36
C THR A 314 3.16 18.61 -7.72
N GLN A 315 4.05 17.84 -8.34
CA GLN A 315 3.82 17.30 -9.68
C GLN A 315 4.27 15.84 -9.76
N SER A 316 3.73 15.08 -10.70
CA SER A 316 4.05 13.66 -10.73
C SER A 316 5.55 13.55 -10.44
N ALA A 317 5.91 12.58 -9.61
CA ALA A 317 7.30 12.39 -9.22
C ALA A 317 7.80 11.04 -9.64
N GLY A 318 6.92 10.26 -10.26
CA GLY A 318 7.22 8.89 -10.59
C GLY A 318 8.32 8.78 -11.61
N ALA A 319 9.08 7.69 -11.54
CA ALA A 319 10.13 7.45 -12.52
C ALA A 319 9.40 7.37 -13.84
N LEU A 320 8.23 6.77 -13.81
CA LEU A 320 7.32 6.75 -14.95
C LEU A 320 6.20 7.75 -14.83
N VAL A 321 5.54 8.06 -15.95
CA VAL A 321 4.44 9.02 -15.92
C VAL A 321 3.18 8.59 -16.65
N THR A 322 3.29 7.88 -17.76
CA THR A 322 2.13 7.21 -18.35
C THR A 322 0.81 7.99 -18.61
N MET A 323 0.86 9.16 -19.25
CA MET A 323 -0.35 9.96 -19.54
C MET A 323 -1.29 9.41 -20.65
N VAL A 324 -2.59 9.73 -20.57
CA VAL A 324 -3.54 9.38 -21.60
C VAL A 324 -4.48 10.54 -21.86
N THR A 325 -4.71 10.80 -23.15
CA THR A 325 -5.57 11.88 -23.56
C THR A 325 -6.17 11.40 -24.84
N ASN A 326 -7.48 11.23 -24.86
CA ASN A 326 -8.11 10.76 -26.07
C ASN A 326 -8.43 12.03 -26.83
N GLY A 327 -7.42 12.58 -27.49
CA GLY A 327 -7.60 13.83 -28.21
C GLY A 327 -7.21 14.86 -27.18
N ALA A 328 -8.19 15.61 -26.68
CA ALA A 328 -7.95 16.56 -25.58
C ALA A 328 -7.14 17.77 -26.02
N ASP A 329 -6.57 18.49 -25.06
CA ASP A 329 -5.62 19.54 -25.38
C ASP A 329 -4.32 19.27 -24.66
N VAL A 330 -4.18 19.73 -23.43
CA VAL A 330 -2.94 19.46 -22.70
C VAL A 330 -1.70 20.03 -23.41
N SER A 331 -1.77 21.31 -23.79
CA SER A 331 -0.64 22.00 -24.41
C SER A 331 0.40 22.52 -23.42
N GLY A 332 1.67 22.43 -23.81
CA GLY A 332 2.76 23.10 -23.13
C GLY A 332 3.05 22.89 -21.65
N VAL A 333 2.97 21.65 -21.18
CA VAL A 333 3.32 21.36 -19.80
C VAL A 333 4.19 20.13 -19.76
N GLY A 334 5.06 20.03 -18.75
CA GLY A 334 5.77 18.79 -18.53
C GLY A 334 4.69 17.80 -18.19
N ALA A 335 4.71 16.63 -18.82
CA ALA A 335 3.55 15.77 -18.70
C ALA A 335 3.46 15.66 -17.21
N VAL A 336 4.56 16.01 -16.57
CA VAL A 336 4.74 15.78 -15.16
C VAL A 336 3.62 16.58 -14.50
N ARG A 337 2.81 17.20 -15.33
CA ARG A 337 1.67 17.98 -14.87
C ARG A 337 0.39 17.50 -15.55
N VAL A 338 0.52 16.40 -16.28
CA VAL A 338 -0.60 15.81 -17.01
C VAL A 338 -0.82 14.35 -16.65
N GLY A 339 0.21 13.54 -16.84
CA GLY A 339 0.15 12.11 -16.55
C GLY A 339 0.24 11.73 -15.09
N TYR A 340 0.20 10.44 -14.80
CA TYR A 340 0.28 9.97 -13.43
C TYR A 340 1.45 9.04 -13.24
N SER A 341 2.20 9.28 -12.17
CA SER A 341 3.39 8.50 -11.87
C SER A 341 3.16 7.08 -11.35
N THR A 342 4.15 6.23 -11.61
CA THR A 342 4.13 4.85 -11.17
C THR A 342 5.60 4.53 -10.79
N ASP A 343 5.87 4.42 -9.49
CA ASP A 343 7.23 4.17 -8.97
C ASP A 343 7.20 3.25 -7.76
N PRO A 344 8.22 2.38 -7.59
CA PRO A 344 9.43 2.16 -8.41
C PRO A 344 9.24 1.42 -9.72
N ILE A 345 10.37 1.12 -10.37
CA ILE A 345 10.35 0.47 -11.67
C ILE A 345 11.38 -0.64 -11.86
N TYR A 346 12.45 -0.60 -11.09
CA TYR A 346 13.51 -1.59 -11.26
C TYR A 346 13.10 -3.06 -11.15
N GLY A 347 12.18 -3.35 -10.25
CA GLY A 347 11.73 -4.72 -10.09
C GLY A 347 12.84 -5.69 -9.77
N GLY A 348 13.05 -6.66 -10.66
CA GLY A 348 14.07 -7.67 -10.44
C GLY A 348 15.48 -7.24 -10.80
N GLN A 349 15.64 -5.94 -11.03
CA GLN A 349 16.93 -5.41 -11.39
C GLN A 349 17.44 -4.46 -10.34
N GLN A 350 18.75 -4.31 -10.29
CA GLN A 350 19.33 -3.39 -9.34
C GLN A 350 19.25 -2.01 -9.98
N PRO A 351 18.65 -1.06 -9.28
CA PRO A 351 18.52 0.30 -9.82
C PRO A 351 19.91 0.92 -9.93
N ASP A 352 20.18 1.58 -11.06
CA ASP A 352 21.47 2.20 -11.32
C ASP A 352 21.84 3.37 -10.40
N SER A 353 20.85 3.93 -9.70
CA SER A 353 21.13 5.04 -8.81
C SER A 353 20.21 4.93 -7.62
N ASP A 354 20.66 5.40 -6.47
CA ASP A 354 19.80 5.48 -5.30
C ASP A 354 18.84 6.64 -5.46
N LEU A 355 17.81 6.67 -4.64
CA LEU A 355 16.73 7.65 -4.76
C LEU A 355 15.70 7.17 -5.77
N LEU A 356 15.92 5.96 -6.28
CA LEU A 356 14.92 5.27 -7.06
C LEU A 356 14.20 4.47 -5.99
N ARG A 357 14.99 4.04 -5.00
CA ARG A 357 14.51 3.13 -3.98
C ARG A 357 13.21 3.51 -3.30
N LEU A 358 12.37 2.51 -3.12
CA LEU A 358 11.08 2.70 -2.47
C LEU A 358 11.31 3.03 -1.02
N ARG A 359 11.21 4.32 -0.69
CA ARG A 359 11.36 4.76 0.68
C ARG A 359 9.97 5.12 1.14
N TYR A 360 9.78 5.16 2.46
CA TYR A 360 8.48 5.47 3.10
C TYR A 360 8.63 5.95 4.56
N SER A 361 7.57 6.54 5.10
CA SER A 361 7.52 6.94 6.50
C SER A 361 6.15 6.54 7.01
N ALA A 362 6.02 6.34 8.32
CA ALA A 362 4.72 6.02 8.88
C ALA A 362 3.85 7.23 8.56
N SER A 363 4.43 8.42 8.74
CA SER A 363 3.92 9.62 8.11
C SER A 363 2.60 10.04 8.73
N ALA A 364 1.84 10.91 8.06
CA ALA A 364 2.32 11.76 6.97
C ALA A 364 2.16 13.23 7.29
N ALA A 365 1.61 13.50 8.48
CA ALA A 365 1.30 14.87 8.86
C ALA A 365 2.57 15.69 8.94
N GLU A 366 2.50 16.93 8.49
CA GLU A 366 3.66 17.79 8.54
C GLU A 366 4.06 18.00 9.98
N GLY A 367 5.36 17.91 10.25
CA GLY A 367 5.88 18.16 11.59
C GLY A 367 6.92 17.16 12.07
N GLN A 368 7.66 16.56 11.14
CA GLN A 368 8.76 15.61 11.46
C GLN A 368 8.54 14.11 11.81
N GLN A 369 8.84 13.29 10.82
CA GLN A 369 8.86 11.83 10.89
C GLN A 369 10.09 11.38 10.09
N ASN A 370 10.56 10.15 10.32
CA ASN A 370 11.79 9.70 9.69
C ASN A 370 11.62 8.68 8.55
N PRO A 371 12.29 8.98 7.37
CA PRO A 371 12.13 7.98 6.30
C PRO A 371 12.89 6.68 6.55
N ILE A 372 12.42 5.59 5.94
CA ILE A 372 12.99 4.28 6.15
C ILE A 372 12.72 3.47 4.88
N LEU A 373 13.62 2.57 4.53
CA LEU A 373 13.37 1.72 3.36
C LEU A 373 13.42 0.24 3.72
N GLU A 374 12.38 -0.50 3.33
CA GLU A 374 12.34 -1.94 3.56
C GLU A 374 13.43 -2.62 2.74
N ASN A 375 13.66 -2.08 1.53
CA ASN A 375 14.60 -2.64 0.57
C ASN A 375 16.06 -2.55 1.00
N ALA A 376 16.33 -1.78 2.06
CA ALA A 376 17.70 -1.42 2.44
C ALA A 376 18.56 -2.64 2.74
N ALA A 377 18.00 -3.61 3.45
CA ALA A 377 18.68 -4.89 3.60
C ALA A 377 18.56 -5.63 2.28
N ARG A 378 19.66 -6.22 1.80
CA ARG A 378 19.58 -6.92 0.54
C ARG A 378 20.28 -8.24 0.84
N HIS A 379 19.50 -9.26 1.15
CA HIS A 379 20.05 -10.56 1.49
C HIS A 379 19.79 -11.67 0.48
N THR A 380 18.79 -11.51 -0.38
CA THR A 380 18.49 -12.57 -1.34
C THR A 380 19.20 -12.30 -2.66
N PHE A 381 19.60 -13.38 -3.33
CA PHE A 381 20.30 -13.25 -4.60
C PHE A 381 19.48 -13.60 -5.83
N THR A 382 18.22 -13.20 -5.78
CA THR A 382 17.33 -13.17 -6.94
C THR A 382 16.78 -11.76 -7.14
N ARG A 383 17.18 -10.82 -6.27
CA ARG A 383 16.57 -9.48 -6.27
C ARG A 383 17.32 -8.32 -6.94
N GLU A 384 18.62 -8.15 -6.68
CA GLU A 384 19.33 -7.01 -7.25
C GLU A 384 20.20 -7.43 -8.41
N ALA A 385 19.56 -7.72 -9.54
CA ALA A 385 20.27 -8.18 -10.72
C ALA A 385 20.83 -7.07 -11.58
N ARG A 386 21.89 -7.40 -12.32
CA ARG A 386 22.57 -6.47 -13.23
C ARG A 386 22.99 -7.15 -14.54
N THR A 387 22.06 -7.40 -15.45
CA THR A 387 22.34 -8.11 -16.69
C THR A 387 23.28 -7.34 -17.65
N LYS A 388 24.14 -8.06 -18.38
CA LYS A 388 24.91 -7.39 -19.42
C LYS A 388 24.99 -8.31 -20.63
N LEU A 389 25.02 -7.72 -21.82
CA LEU A 389 25.13 -8.51 -23.06
C LEU A 389 26.63 -8.58 -23.30
N ILE A 390 27.11 -9.57 -24.06
CA ILE A 390 28.55 -9.65 -24.24
C ILE A 390 29.19 -8.85 -25.38
N THR A 391 28.47 -8.58 -26.47
CA THR A 391 29.10 -7.78 -27.50
C THR A 391 30.41 -8.48 -27.96
N GLY A 392 31.52 -7.76 -27.89
CA GLY A 392 32.80 -8.26 -28.34
C GLY A 392 33.41 -9.47 -27.63
N SER A 393 34.10 -10.29 -28.42
CA SER A 393 34.80 -11.50 -27.99
C SER A 393 35.87 -11.33 -26.92
N ASN A 394 36.33 -10.11 -26.71
CA ASN A 394 37.33 -9.86 -25.68
C ASN A 394 36.69 -10.07 -24.31
N GLY A 395 35.43 -9.68 -24.22
CA GLY A 395 34.69 -9.80 -22.97
C GLY A 395 33.92 -8.53 -22.65
N ALA A 396 34.17 -7.49 -23.43
CA ALA A 396 33.52 -6.18 -23.25
C ALA A 396 32.01 -6.33 -23.22
N ASP A 397 31.39 -5.91 -22.13
CA ASP A 397 29.94 -6.01 -21.98
C ASP A 397 29.15 -4.75 -22.38
N GLY A 398 27.85 -4.94 -22.45
CA GLY A 398 26.92 -3.85 -22.59
C GLY A 398 25.83 -4.06 -21.56
N ASN A 399 25.67 -3.07 -20.69
CA ASN A 399 24.60 -3.06 -19.69
C ASN A 399 23.19 -2.84 -20.26
N TYR A 400 22.21 -3.43 -19.56
CA TYR A 400 20.80 -3.31 -19.89
C TYR A 400 20.13 -2.53 -18.78
N LYS A 401 19.92 -1.24 -18.99
CA LYS A 401 19.28 -0.45 -17.96
C LYS A 401 17.77 -0.66 -18.06
N GLU A 402 17.36 -1.30 -19.14
CA GLU A 402 15.96 -1.60 -19.36
C GLU A 402 15.91 -3.07 -19.74
N TRP A 403 15.62 -3.91 -18.75
CA TRP A 403 15.53 -5.35 -18.92
C TRP A 403 14.06 -5.72 -19.06
N TRP A 404 13.56 -5.71 -20.28
CA TRP A 404 12.16 -6.02 -20.53
C TRP A 404 11.84 -7.49 -20.28
N MET A 405 10.55 -7.79 -20.26
CA MET A 405 10.08 -9.14 -20.03
C MET A 405 10.52 -10.10 -21.14
N LEU A 406 10.94 -11.28 -20.73
CA LEU A 406 11.42 -12.28 -21.68
C LEU A 406 11.14 -13.64 -21.09
N PRO A 407 11.07 -14.68 -21.94
CA PRO A 407 10.79 -16.00 -21.37
C PRO A 407 11.91 -16.43 -20.42
N ASN A 408 11.56 -17.29 -19.48
CA ASN A 408 12.51 -17.84 -18.50
C ASN A 408 13.12 -16.92 -17.47
N GLN A 409 12.43 -15.84 -17.11
CA GLN A 409 12.99 -14.95 -16.10
C GLN A 409 12.50 -15.38 -14.70
N MET A 410 13.45 -15.57 -13.79
CA MET A 410 13.15 -16.01 -12.43
C MET A 410 13.64 -15.04 -11.38
N TRP A 411 12.76 -14.66 -10.46
CA TRP A 411 13.15 -13.76 -9.38
C TRP A 411 12.16 -13.82 -8.22
N ASP A 412 12.52 -13.24 -7.08
CA ASP A 412 11.63 -13.21 -5.93
C ASP A 412 10.94 -11.85 -5.85
N SER A 413 9.79 -11.80 -5.20
CA SER A 413 9.06 -10.54 -5.07
C SER A 413 9.78 -9.61 -4.13
N ALA A 414 9.43 -8.32 -4.21
CA ALA A 414 10.02 -7.31 -3.36
C ALA A 414 9.66 -7.59 -1.91
N PRO A 415 10.47 -7.14 -0.95
CA PRO A 415 10.18 -7.39 0.46
C PRO A 415 9.11 -6.46 1.00
N ILE A 416 8.69 -6.73 2.23
CA ILE A 416 7.70 -5.90 2.90
C ILE A 416 8.14 -5.79 4.35
N SER A 417 7.41 -5.00 5.13
CA SER A 417 7.75 -4.82 6.54
C SER A 417 6.51 -4.39 7.30
N ARG A 418 6.63 -4.24 8.60
CA ARG A 418 5.45 -4.06 9.41
C ARG A 418 4.75 -2.83 8.87
N TYR A 419 5.48 -1.96 8.19
CA TYR A 419 4.92 -0.68 7.78
C TYR A 419 4.43 -0.64 6.35
N ASN A 420 4.54 -1.78 5.68
CA ASN A 420 4.10 -1.91 4.30
C ASN A 420 2.57 -2.04 4.28
N PRO A 421 1.97 -1.89 3.09
CA PRO A 421 0.52 -1.98 2.93
C PRO A 421 0.08 -3.38 2.48
N ILE A 422 -0.94 -3.93 3.14
CA ILE A 422 -1.35 -5.32 2.93
C ILE A 422 -1.88 -5.72 1.54
N TRP A 423 -2.74 -4.90 0.93
CA TRP A 423 -3.41 -5.29 -0.30
C TRP A 423 -3.59 -4.16 -1.32
N VAL A 424 -3.81 -4.53 -2.58
CA VAL A 424 -3.97 -3.53 -3.64
C VAL A 424 -5.09 -4.00 -4.53
N LYS A 425 -6.08 -3.16 -4.77
CA LYS A 425 -7.15 -3.60 -5.64
C LYS A 425 -6.66 -3.67 -7.07
N VAL A 426 -6.91 -4.80 -7.72
CA VAL A 426 -6.52 -4.95 -9.10
C VAL A 426 -7.62 -4.27 -9.89
N PRO A 427 -7.25 -3.40 -10.84
CA PRO A 427 -8.27 -2.70 -11.63
C PRO A 427 -9.10 -3.64 -12.51
N ARG A 428 -10.34 -3.24 -12.78
CA ARG A 428 -11.23 -4.03 -13.62
C ARG A 428 -10.90 -3.88 -15.09
N VAL A 429 -9.82 -4.50 -15.52
CA VAL A 429 -9.43 -4.42 -16.92
C VAL A 429 -9.35 -5.85 -17.44
N ASN A 430 -9.61 -6.05 -18.73
CA ASN A 430 -9.58 -7.39 -19.30
C ASN A 430 -8.24 -7.80 -19.89
N ARG A 431 -7.20 -7.05 -19.58
CA ARG A 431 -5.87 -7.38 -20.05
C ARG A 431 -4.88 -7.11 -18.94
N LYS A 432 -4.24 -8.17 -18.48
CA LYS A 432 -3.28 -8.07 -17.41
C LYS A 432 -1.99 -8.77 -17.72
N THR A 433 -0.92 -8.20 -17.20
CA THR A 433 0.41 -8.72 -17.40
C THR A 433 0.81 -9.52 -16.15
N LEU A 434 2.08 -9.87 -16.03
CA LEU A 434 2.52 -10.75 -14.93
C LEU A 434 2.20 -10.24 -13.52
N LEU A 435 2.33 -8.94 -13.25
CA LEU A 435 1.72 -8.33 -12.05
C LEU A 435 2.44 -8.29 -10.68
N ASP A 436 3.73 -8.59 -10.57
CA ASP A 436 4.31 -8.58 -9.30
C ASP A 436 4.26 -7.12 -8.87
N THR A 437 3.79 -6.89 -7.66
CA THR A 437 3.75 -5.56 -7.08
C THR A 437 5.14 -5.19 -6.57
N GLN A 438 5.57 -3.99 -6.92
CA GLN A 438 6.87 -3.47 -6.49
C GLN A 438 6.68 -3.15 -5.03
N ASP A 439 5.41 -3.05 -4.68
CA ASP A 439 4.96 -2.74 -3.34
C ASP A 439 5.25 -3.83 -2.35
N GLY A 440 4.83 -5.03 -2.73
CA GLY A 440 4.99 -6.21 -1.90
C GLY A 440 3.61 -6.50 -1.38
N SER A 441 2.68 -5.63 -1.76
CA SER A 441 1.30 -5.74 -1.36
C SER A 441 0.58 -6.86 -2.11
N ILE A 442 -0.40 -7.48 -1.45
CA ILE A 442 -1.15 -8.58 -2.05
C ILE A 442 -2.19 -8.01 -3.01
N PRO A 443 -2.09 -8.37 -4.30
CA PRO A 443 -3.06 -7.88 -5.28
C PRO A 443 -4.30 -8.77 -5.24
N MET A 444 -5.46 -8.17 -5.42
CA MET A 444 -6.68 -8.97 -5.43
C MET A 444 -7.86 -8.22 -6.04
N SER A 445 -8.58 -8.91 -6.90
CA SER A 445 -9.72 -8.34 -7.59
C SER A 445 -10.80 -7.93 -6.62
N HIS A 446 -10.97 -8.72 -5.56
CA HIS A 446 -11.96 -8.42 -4.56
C HIS A 446 -11.32 -8.23 -3.22
N PRO A 447 -10.82 -7.02 -2.96
CA PRO A 447 -10.15 -6.65 -1.72
C PRO A 447 -11.19 -6.25 -0.68
N PRO A 448 -10.77 -6.16 0.58
CA PRO A 448 -11.71 -5.78 1.64
C PRO A 448 -12.54 -4.58 1.19
N GLY A 449 -13.85 -4.66 1.37
CA GLY A 449 -14.69 -3.55 0.97
C GLY A 449 -14.44 -2.35 1.86
N THR A 450 -14.87 -1.19 1.41
CA THR A 450 -14.65 0.02 2.19
C THR A 450 -15.84 0.32 3.08
N ILE A 451 -15.59 0.53 4.37
CA ILE A 451 -16.70 0.84 5.28
C ILE A 451 -16.82 2.34 5.47
N PHE A 452 -17.88 2.92 4.91
CA PHE A 452 -18.15 4.36 4.99
C PHE A 452 -19.09 4.75 6.12
N ILE A 453 -18.97 5.97 6.61
CA ILE A 453 -19.85 6.50 7.64
C ILE A 453 -19.95 8.02 7.54
N LYS A 454 -21.09 8.55 7.95
CA LYS A 454 -21.34 9.99 7.93
C LYS A 454 -22.51 10.22 8.87
N LEU A 455 -22.54 11.37 9.55
CA LEU A 455 -23.66 11.60 10.45
C LEU A 455 -24.88 11.95 9.65
N ALA A 456 -26.04 11.80 10.28
CA ALA A 456 -27.28 12.14 9.62
C ALA A 456 -27.22 13.65 9.40
N ARG A 457 -27.89 14.15 8.37
CA ARG A 457 -27.87 15.57 8.13
C ARG A 457 -29.06 16.18 8.87
N ILE A 458 -28.94 16.33 10.19
CA ILE A 458 -30.03 16.88 10.99
C ILE A 458 -30.27 18.34 10.62
N PRO A 459 -31.30 18.60 9.80
CA PRO A 459 -31.54 19.99 9.43
C PRO A 459 -32.16 20.76 10.57
N VAL A 460 -32.31 22.05 10.36
CA VAL A 460 -32.91 22.89 11.36
C VAL A 460 -33.87 23.84 10.68
N PRO A 461 -34.90 24.18 11.45
CA PRO A 461 -35.92 25.17 11.08
C PRO A 461 -35.33 26.57 11.19
N GLY A 462 -36.02 27.52 10.59
CA GLY A 462 -35.46 28.85 10.34
C GLY A 462 -34.52 28.65 9.16
N ASN A 463 -34.99 27.96 8.13
CA ASN A 463 -34.01 27.49 7.17
C ASN A 463 -33.29 28.65 6.50
N GLY A 464 -31.99 28.65 6.71
CA GLY A 464 -31.01 29.35 5.90
C GLY A 464 -30.16 28.31 5.18
N ASP A 465 -30.64 27.07 5.17
CA ASP A 465 -29.90 25.91 4.70
C ASP A 465 -28.98 25.33 5.76
N SER A 466 -29.06 25.78 7.02
CA SER A 466 -28.13 25.21 7.98
C SER A 466 -28.60 23.92 8.65
N PHE A 467 -27.75 23.39 9.52
CA PHE A 467 -28.03 22.14 10.19
C PHE A 467 -27.40 22.10 11.56
N LEU A 468 -27.77 21.09 12.33
CA LEU A 468 -27.26 20.88 13.69
C LEU A 468 -25.83 20.37 13.60
N ASN A 469 -24.96 20.94 14.42
CA ASN A 469 -23.57 20.51 14.41
C ASN A 469 -23.37 19.38 15.40
N ILE A 470 -23.11 18.20 14.87
CA ILE A 470 -22.92 17.01 15.68
C ILE A 470 -21.71 16.25 15.20
N TYR A 471 -21.27 15.28 15.99
CA TYR A 471 -20.14 14.46 15.58
C TYR A 471 -20.28 13.08 16.21
N VAL A 472 -19.51 12.13 15.74
CA VAL A 472 -19.60 10.78 16.27
C VAL A 472 -18.28 10.24 16.74
N THR A 473 -18.37 9.40 17.76
CA THR A 473 -17.22 8.73 18.31
C THR A 473 -17.74 7.35 18.68
N GLY A 474 -16.89 6.35 18.56
CA GLY A 474 -17.28 5.00 18.88
C GLY A 474 -16.06 4.12 18.88
N GLN A 475 -16.27 2.80 18.82
CA GLN A 475 -15.16 1.89 18.82
C GLN A 475 -15.23 0.95 17.63
N VAL A 476 -14.07 0.61 17.09
CA VAL A 476 -14.00 -0.27 15.96
C VAL A 476 -13.06 -1.40 16.31
N SER A 477 -13.50 -2.62 16.06
CA SER A 477 -12.65 -3.76 16.33
C SER A 477 -12.46 -4.49 15.02
N CYS A 478 -11.21 -4.86 14.76
CA CYS A 478 -10.87 -5.56 13.55
C CYS A 478 -10.04 -6.79 13.87
N GLU A 479 -10.68 -7.95 13.77
CA GLU A 479 -10.00 -9.21 14.01
C GLU A 479 -9.64 -9.82 12.67
N VAL A 480 -8.36 -10.15 12.51
CA VAL A 480 -7.88 -10.73 11.28
C VAL A 480 -7.29 -12.10 11.53
N VAL A 481 -7.68 -13.05 10.70
CA VAL A 481 -7.16 -14.40 10.84
C VAL A 481 -6.11 -14.55 9.79
N TRP A 482 -4.90 -14.88 10.21
CA TRP A 482 -3.81 -15.03 9.28
C TRP A 482 -3.38 -16.48 9.14
N GLU A 483 -3.37 -16.94 7.90
CA GLU A 483 -2.93 -18.30 7.61
C GLU A 483 -1.42 -18.22 7.59
N VAL A 484 -0.82 -19.03 8.44
CA VAL A 484 0.60 -19.04 8.60
C VAL A 484 1.17 -20.40 8.28
N GLU A 485 2.41 -20.44 7.85
CA GLU A 485 3.04 -21.70 7.54
C GLU A 485 4.50 -21.64 7.97
N LYS A 486 4.89 -22.59 8.80
CA LYS A 486 6.25 -22.66 9.29
C LYS A 486 6.97 -23.69 8.41
N ARG A 487 8.27 -23.53 8.19
CA ARG A 487 9.00 -24.51 7.38
C ARG A 487 10.42 -24.67 7.89
N GLY A 488 10.95 -25.89 7.84
CA GLY A 488 12.29 -26.13 8.33
C GLY A 488 13.32 -26.39 7.25
N THR A 489 14.60 -26.13 7.54
CA THR A 489 15.67 -26.36 6.56
C THR A 489 16.70 -27.33 7.10
N LYS A 490 17.58 -27.76 6.21
CA LYS A 490 18.64 -28.67 6.58
C LYS A 490 19.92 -27.85 6.69
N ASN A 491 19.77 -26.53 6.64
CA ASN A 491 20.90 -25.64 6.76
C ASN A 491 21.51 -25.84 8.14
N TRP A 492 22.82 -26.00 8.18
CA TRP A 492 23.53 -26.23 9.42
C TRP A 492 23.81 -24.96 10.21
N ARG A 493 24.26 -23.91 9.51
CA ARG A 493 24.60 -22.61 10.12
C ARG A 493 23.37 -21.84 10.62
N PRO A 494 23.58 -20.87 11.53
CA PRO A 494 22.49 -20.05 12.05
C PRO A 494 21.94 -19.15 10.94
N GLU A 495 20.87 -18.42 11.22
CA GLU A 495 20.22 -17.59 10.21
C GLU A 495 19.94 -16.18 10.74
N TYR A 496 19.87 -15.20 9.85
CA TYR A 496 19.69 -13.82 10.27
C TYR A 496 18.36 -13.75 10.98
N MET A 497 18.29 -12.98 12.05
CA MET A 497 17.04 -12.82 12.80
C MET A 497 16.90 -11.38 13.30
N HIS A 498 15.71 -10.81 13.16
CA HIS A 498 15.48 -9.46 13.63
C HIS A 498 15.70 -9.54 15.13
N SER A 499 16.72 -8.86 15.64
CA SER A 499 17.07 -9.01 17.05
C SER A 499 16.52 -7.97 18.05
N ALA A 500 16.54 -6.70 17.67
CA ALA A 500 16.22 -5.58 18.56
C ALA A 500 17.44 -5.22 19.40
N THR A 501 18.51 -5.96 19.17
CA THR A 501 19.86 -5.70 19.62
C THR A 501 20.46 -4.82 18.52
N ASN A 502 19.91 -4.95 17.31
CA ASN A 502 20.37 -4.19 16.16
C ASN A 502 19.39 -3.09 15.78
N MET A 503 18.46 -2.77 16.68
CA MET A 503 17.49 -1.73 16.39
C MET A 503 17.75 -0.51 17.25
N SER A 504 17.30 0.65 16.79
CA SER A 504 17.52 1.88 17.52
C SER A 504 17.06 1.82 18.96
N VAL A 505 17.59 2.71 19.78
CA VAL A 505 17.24 2.75 21.19
C VAL A 505 15.89 3.42 21.35
N ASP A 506 15.44 4.11 20.29
CA ASP A 506 14.15 4.78 20.33
C ASP A 506 13.10 3.74 19.99
N ALA A 507 13.52 2.69 19.30
CA ALA A 507 12.60 1.94 18.51
C ALA A 507 11.42 1.56 19.37
N TYR A 508 10.24 1.85 18.82
CA TYR A 508 8.92 1.53 19.40
C TYR A 508 8.57 2.04 20.82
N THR A 509 8.70 3.34 21.10
CA THR A 509 8.56 3.76 22.50
C THR A 509 7.74 5.01 22.77
N ILE A 510 7.52 5.27 24.04
CA ILE A 510 6.77 6.44 24.47
C ILE A 510 7.75 7.31 25.23
N ASN A 511 7.56 8.61 25.09
CA ASN A 511 8.46 9.63 25.64
C ASN A 511 7.70 10.64 26.49
N ASN A 512 8.36 11.50 27.24
CA ASN A 512 7.72 12.03 28.43
C ASN A 512 6.33 12.60 28.15
N ALA A 513 6.11 13.26 27.01
CA ALA A 513 4.75 13.57 26.62
C ALA A 513 4.24 12.25 26.07
N GLY A 514 2.94 12.02 26.11
CA GLY A 514 2.45 10.70 25.76
C GLY A 514 2.44 10.61 24.26
N VAL A 515 3.66 10.58 23.72
CA VAL A 515 3.89 10.53 22.29
C VAL A 515 4.66 9.26 21.95
N TYR A 516 4.18 8.55 20.94
CA TYR A 516 4.72 7.27 20.53
C TYR A 516 5.65 7.34 19.33
N ALA A 517 6.71 6.54 19.38
CA ALA A 517 7.68 6.49 18.32
C ALA A 517 7.70 5.08 17.75
N GLY A 518 7.44 4.96 16.46
CA GLY A 518 7.45 3.66 15.82
C GLY A 518 8.86 3.27 15.43
N ALA A 519 9.06 2.92 14.17
CA ALA A 519 10.39 2.55 13.69
C ALA A 519 11.13 3.85 13.42
N VAL A 520 12.39 3.91 13.81
CA VAL A 520 13.16 5.12 13.60
C VAL A 520 14.24 4.89 12.54
N GLN A 521 14.61 3.63 12.33
CA GLN A 521 15.60 3.34 11.32
C GLN A 521 15.31 2.02 10.63
N ASN A 522 15.90 1.80 9.47
CA ASN A 522 15.67 0.59 8.69
C ASN A 522 15.82 -0.74 9.40
N ALA A 523 16.55 -0.75 10.51
CA ALA A 523 16.73 -1.98 11.27
C ALA A 523 15.36 -2.40 11.77
N ASP A 524 14.67 -1.42 12.36
CA ASP A 524 13.45 -1.58 13.15
C ASP A 524 12.25 -2.15 12.41
N VAL A 525 12.12 -1.80 11.14
CA VAL A 525 10.95 -2.12 10.36
C VAL A 525 10.80 -3.63 10.23
N MET A 526 11.88 -4.35 10.48
CA MET A 526 11.84 -5.78 10.27
C MET A 526 11.99 -5.91 8.77
N GLN A 527 11.95 -7.12 8.26
CA GLN A 527 11.96 -7.28 6.82
C GLN A 527 11.38 -8.60 6.34
N THR A 528 11.05 -8.63 5.06
CA THR A 528 10.69 -9.86 4.38
C THR A 528 11.77 -10.12 3.34
N ARG A 529 12.28 -11.35 3.27
CA ARG A 529 13.42 -11.61 2.41
C ARG A 529 14.71 -11.34 3.16
N PHE A 530 14.55 -10.87 4.40
CA PHE A 530 15.60 -10.83 5.39
C PHE A 530 16.07 -12.20 5.95
N ASN A 531 15.12 -13.09 6.19
CA ASN A 531 15.31 -14.17 7.18
C ASN A 531 15.71 -15.62 6.85
N HIS A 532 15.02 -16.28 5.91
CA HIS A 532 15.14 -17.73 5.83
C HIS A 532 15.82 -18.23 4.57
N HIS A 533 16.77 -19.15 4.73
CA HIS A 533 17.50 -19.64 3.57
C HIS A 533 16.79 -20.80 2.92
N LYS A 534 16.48 -20.66 1.64
CA LYS A 534 15.84 -21.72 0.88
C LYS A 534 16.85 -22.33 -0.07
N VAL A 535 16.46 -23.38 -0.77
CA VAL A 535 17.39 -24.04 -1.66
C VAL A 535 17.21 -23.82 -3.16
N LEU A 536 15.97 -23.71 -3.62
CA LEU A 536 15.66 -23.51 -5.05
C LEU A 536 15.51 -24.86 -5.75
#